data_4CKY
#
_entry.id   4CKY
#
_cell.length_a   126.950
_cell.length_b   126.950
_cell.length_c   126.950
_cell.angle_alpha   90.00
_cell.angle_beta   90.00
_cell.angle_gamma   90.00
#
_symmetry.space_group_name_H-M   'F 2 3'
#
loop_
_entity.id
_entity.type
_entity.pdbx_description
1 polymer '3-DEHYDROQUINATE DEHYDRATASE'
2 non-polymer 'SODIUM ION'
3 non-polymer 'SULFATE ION'
4 non-polymer '2,2-dimethyl-3-dehydroquinic acid'
5 water water
#
_entity_poly.entity_id   1
_entity_poly.type   'polypeptide(L)'
_entity_poly.pdbx_seq_one_letter_code
;SELIVNVINGPNLGRLGRREPAVYGGTTHDELVALIEREAAELGLKAVVRQSDSEAQLLDWIHQAADAAEPVILNAGGLT
HTSVALRDACAELSAPLIEVHISNVHAREEFRRHSYLSPIATGVIVGLGIQGYLLALRYLAEHVGT
;
_entity_poly.pdbx_strand_id   A
#
# COMPACT_ATOMS: atom_id res chain seq x y z
N LEU A 3 -0.66 6.32 -15.58
CA LEU A 3 -2.15 6.53 -15.42
C LEU A 3 -2.86 5.80 -14.25
N ILE A 4 -2.95 4.48 -14.28
CA ILE A 4 -3.59 3.71 -13.21
C ILE A 4 -2.59 3.37 -12.10
N VAL A 5 -3.00 3.61 -10.85
CA VAL A 5 -2.26 3.20 -9.64
C VAL A 5 -3.19 2.38 -8.75
N ASN A 6 -2.67 1.24 -8.30
CA ASN A 6 -3.37 0.40 -7.37
C ASN A 6 -2.94 0.71 -5.95
N VAL A 7 -3.90 0.93 -5.08
CA VAL A 7 -3.64 1.07 -3.65
C VAL A 7 -4.26 -0.13 -2.96
N ILE A 8 -3.41 -0.93 -2.32
CA ILE A 8 -3.85 -2.23 -1.75
C ILE A 8 -3.62 -2.17 -0.25
N ASN A 9 -4.69 -2.36 0.51
CA ASN A 9 -4.66 -2.37 1.97
C ASN A 9 -4.98 -3.80 2.48
N GLY A 10 -4.16 -4.24 3.41
CA GLY A 10 -4.28 -5.57 3.99
C GLY A 10 -5.07 -5.65 5.28
N PRO A 11 -4.80 -6.71 6.06
CA PRO A 11 -5.68 -7.02 7.19
C PRO A 11 -5.81 -5.90 8.22
N ASN A 12 -7.05 -5.75 8.68
CA ASN A 12 -7.47 -4.81 9.66
C ASN A 12 -7.58 -3.36 9.20
N LEU A 13 -7.17 -3.07 7.96
CA LEU A 13 -7.27 -1.71 7.46
C LEU A 13 -8.71 -1.29 7.19
N GLY A 14 -9.62 -2.25 7.06
CA GLY A 14 -11.03 -1.90 6.98
C GLY A 14 -11.58 -1.33 8.29
N ARG A 15 -10.83 -1.50 9.38
CA ARG A 15 -11.21 -1.02 10.72
C ARG A 15 -10.72 0.39 11.03
N LEU A 16 -10.09 1.05 10.06
CA LEU A 16 -9.62 2.40 10.25
C LEU A 16 -10.74 3.29 10.82
N GLY A 17 -10.42 4.06 11.84
CA GLY A 17 -11.36 5.01 12.41
C GLY A 17 -12.32 4.45 13.44
N ARG A 18 -12.25 3.15 13.72
CA ARG A 18 -13.13 2.53 14.72
C ARG A 18 -12.34 1.71 15.71
N GLY A 26 -10.53 8.28 13.96
CA GLY A 26 -10.61 9.34 12.95
C GLY A 26 -11.08 8.89 11.57
N THR A 27 -10.18 8.95 10.59
CA THR A 27 -10.49 8.69 9.20
C THR A 27 -10.88 7.24 8.99
N THR A 28 -12.03 7.00 8.37
CA THR A 28 -12.48 5.67 8.02
C THR A 28 -11.88 5.18 6.70
N HIS A 29 -12.00 3.87 6.45
CA HIS A 29 -11.50 3.36 5.18
C HIS A 29 -12.24 3.98 3.96
N ASP A 30 -13.57 4.16 4.07
CA ASP A 30 -14.32 4.81 2.98
C ASP A 30 -13.83 6.24 2.74
N GLU A 31 -13.57 6.95 3.83
CA GLU A 31 -13.01 8.30 3.73
C GLU A 31 -11.63 8.30 3.05
N LEU A 32 -10.81 7.32 3.40
CA LEU A 32 -9.50 7.21 2.82
C LEU A 32 -9.60 6.99 1.33
N VAL A 33 -10.51 6.10 0.92
CA VAL A 33 -10.75 5.88 -0.50
C VAL A 33 -11.08 7.21 -1.18
N ALA A 34 -12.02 7.98 -0.60
CA ALA A 34 -12.46 9.25 -1.19
C ALA A 34 -11.30 10.25 -1.31
N LEU A 35 -10.50 10.35 -0.26
CA LEU A 35 -9.31 11.21 -0.25
C LEU A 35 -8.29 10.85 -1.31
N ILE A 36 -8.02 9.55 -1.42
CA ILE A 36 -7.11 9.06 -2.43
C ILE A 36 -7.62 9.33 -3.83
N GLU A 37 -8.90 9.05 -4.08
CA GLU A 37 -9.47 9.24 -5.39
C GLU A 37 -9.38 10.71 -5.82
N ARG A 38 -9.68 11.61 -4.89
CA ARG A 38 -9.63 13.05 -5.15
C ARG A 38 -8.22 13.53 -5.49
N GLU A 39 -7.25 13.06 -4.73
CA GLU A 39 -5.85 13.40 -4.96
C GLU A 39 -5.36 12.84 -6.28
N ALA A 40 -5.78 11.62 -6.58
CA ALA A 40 -5.36 11.00 -7.83
C ALA A 40 -5.82 11.81 -9.03
N ALA A 41 -7.05 12.27 -8.97
CA ALA A 41 -7.65 12.99 -10.10
C ALA A 41 -6.91 14.30 -10.29
N GLU A 42 -6.62 14.96 -9.17
CA GLU A 42 -5.82 16.20 -9.21
C GLU A 42 -4.45 16.00 -9.86
N LEU A 43 -3.85 14.82 -9.68
CA LEU A 43 -2.55 14.51 -10.26
C LEU A 43 -2.62 13.93 -11.69
N GLY A 44 -3.83 13.74 -12.20
CA GLY A 44 -4.01 13.15 -13.52
C GLY A 44 -3.92 11.64 -13.57
N LEU A 45 -4.13 11.01 -12.42
CA LEU A 45 -4.02 9.54 -12.25
C LEU A 45 -5.42 8.99 -12.00
N LYS A 46 -5.58 7.65 -12.15
CA LYS A 46 -6.76 6.93 -11.65
C LYS A 46 -6.29 5.97 -10.57
N ALA A 47 -6.83 6.13 -9.37
CA ALA A 47 -6.53 5.26 -8.24
C ALA A 47 -7.61 4.20 -8.09
N VAL A 48 -7.18 2.93 -8.02
CA VAL A 48 -8.01 1.79 -7.71
C VAL A 48 -7.62 1.32 -6.30
N VAL A 49 -8.50 1.57 -5.34
CA VAL A 49 -8.21 1.29 -3.94
C VAL A 49 -8.99 0.07 -3.48
N ARG A 50 -8.27 -0.92 -2.95
CA ARG A 50 -8.89 -2.19 -2.54
C ARG A 50 -8.36 -2.60 -1.17
N GLN A 51 -9.21 -3.23 -0.36
CA GLN A 51 -8.81 -3.73 0.95
C GLN A 51 -9.30 -5.14 1.16
N SER A 52 -8.48 -5.96 1.80
CA SER A 52 -8.89 -7.33 2.17
C SER A 52 -8.14 -7.80 3.38
N ASP A 53 -8.82 -8.61 4.18
CA ASP A 53 -8.20 -9.31 5.32
C ASP A 53 -7.60 -10.69 4.90
N SER A 54 -7.80 -11.09 3.65
CA SER A 54 -7.40 -12.39 3.11
C SER A 54 -6.11 -12.27 2.34
N GLU A 55 -5.07 -12.96 2.78
CA GLU A 55 -3.78 -12.98 2.04
C GLU A 55 -3.96 -13.43 0.59
N ALA A 56 -4.78 -14.45 0.37
CA ALA A 56 -4.98 -14.96 -0.97
C ALA A 56 -5.53 -13.87 -1.91
N GLN A 57 -6.49 -13.08 -1.40
CA GLN A 57 -7.06 -11.99 -2.18
C GLN A 57 -6.02 -10.91 -2.49
N LEU A 58 -5.21 -10.58 -1.50
CA LEU A 58 -4.12 -9.63 -1.73
C LEU A 58 -3.14 -10.14 -2.80
N LEU A 59 -2.79 -11.41 -2.72
CA LEU A 59 -1.93 -12.03 -3.72
C LEU A 59 -2.52 -11.89 -5.13
N ASP A 60 -3.82 -12.16 -5.27
CA ASP A 60 -4.46 -12.04 -6.55
C ASP A 60 -4.39 -10.61 -7.12
N TRP A 61 -4.63 -9.63 -6.28
CA TRP A 61 -4.54 -8.23 -6.72
C TRP A 61 -3.09 -7.85 -7.14
N ILE A 62 -2.11 -8.36 -6.41
CA ILE A 62 -0.71 -8.13 -6.78
C ILE A 62 -0.36 -8.82 -8.09
N HIS A 63 -0.84 -10.05 -8.27
CA HIS A 63 -0.63 -10.75 -9.56
C HIS A 63 -1.19 -9.94 -10.70
N GLN A 64 -2.39 -9.38 -10.51
CA GLN A 64 -3.00 -8.61 -11.60
C GLN A 64 -2.16 -7.36 -11.93
N ALA A 65 -1.64 -6.70 -10.90
CA ALA A 65 -0.81 -5.49 -11.11
C ALA A 65 0.51 -5.86 -11.82
N ALA A 66 1.03 -7.06 -11.53
CA ALA A 66 2.21 -7.57 -12.21
C ALA A 66 1.92 -7.78 -13.68
N ASP A 67 0.80 -8.41 -13.99
CA ASP A 67 0.43 -8.68 -15.37
C ASP A 67 0.15 -7.38 -16.16
N ALA A 68 -0.40 -6.37 -15.50
CA ALA A 68 -0.70 -5.11 -16.16
C ALA A 68 0.45 -4.10 -16.10
N ALA A 69 1.54 -4.41 -15.39
CA ALA A 69 2.63 -3.47 -15.23
C ALA A 69 2.17 -2.15 -14.62
N GLU A 70 1.30 -2.25 -13.63
CA GLU A 70 0.80 -1.08 -12.90
C GLU A 70 1.50 -0.91 -11.56
N PRO A 71 1.75 0.35 -11.18
CA PRO A 71 2.33 0.59 -9.86
C PRO A 71 1.38 0.24 -8.73
N VAL A 72 1.97 -0.05 -7.58
CA VAL A 72 1.25 -0.47 -6.39
C VAL A 72 1.73 0.34 -5.19
N ILE A 73 0.77 0.89 -4.44
CA ILE A 73 1.01 1.42 -3.08
C ILE A 73 0.36 0.40 -2.15
N LEU A 74 1.18 -0.19 -1.26
CA LEU A 74 0.80 -1.35 -0.45
C LEU A 74 0.99 -1.06 1.05
N ASN A 75 -0.10 -1.16 1.81
CA ASN A 75 -0.03 -1.23 3.25
C ASN A 75 -0.55 -2.58 3.65
N ALA A 76 0.38 -3.51 3.86
CA ALA A 76 0.01 -4.93 4.09
C ALA A 76 -0.41 -5.23 5.53
N GLY A 77 -0.50 -4.22 6.38
CA GLY A 77 -0.83 -4.46 7.79
C GLY A 77 0.15 -5.45 8.40
N GLY A 78 -0.35 -6.33 9.27
CA GLY A 78 0.53 -7.25 9.99
C GLY A 78 1.28 -8.20 9.09
N LEU A 79 0.78 -8.43 7.87
CA LEU A 79 1.47 -9.33 6.93
C LEU A 79 2.82 -8.76 6.51
N THR A 80 3.01 -7.45 6.64
CA THR A 80 4.31 -6.83 6.38
C THR A 80 5.44 -7.59 7.08
N HIS A 81 5.17 -7.98 8.31
CA HIS A 81 6.16 -8.51 9.21
C HIS A 81 6.29 -10.02 9.12
N THR A 82 5.37 -10.68 8.43
CA THR A 82 5.22 -12.11 8.53
C THR A 82 5.15 -12.90 7.22
N SER A 83 4.74 -12.29 6.10
CA SER A 83 4.42 -13.05 4.91
C SER A 83 5.52 -13.07 3.83
N VAL A 84 6.16 -14.24 3.69
CA VAL A 84 7.07 -14.46 2.57
C VAL A 84 6.28 -14.60 1.27
N ALA A 85 5.12 -15.24 1.33
CA ALA A 85 4.26 -15.34 0.14
C ALA A 85 3.97 -13.95 -0.50
N LEU A 86 3.63 -12.95 0.32
CA LEU A 86 3.35 -11.63 -0.22
C LEU A 86 4.60 -10.99 -0.84
N ARG A 87 5.74 -11.15 -0.17
CA ARG A 87 7.02 -10.70 -0.74
C ARG A 87 7.26 -11.30 -2.12
N ASP A 88 7.08 -12.62 -2.23
CA ASP A 88 7.29 -13.33 -3.49
C ASP A 88 6.40 -12.79 -4.63
N ALA A 89 5.15 -12.47 -4.31
CA ALA A 89 4.27 -11.89 -5.31
C ALA A 89 4.73 -10.48 -5.72
N CYS A 90 5.08 -9.67 -4.71
CA CYS A 90 5.53 -8.31 -4.94
C CYS A 90 6.82 -8.23 -5.71
N ALA A 91 7.69 -9.24 -5.56
CA ALA A 91 8.94 -9.31 -6.31
C ALA A 91 8.74 -9.39 -7.84
N GLU A 92 7.56 -9.86 -8.26
CA GLU A 92 7.21 -9.95 -9.69
C GLU A 92 6.84 -8.59 -10.32
N LEU A 93 6.53 -7.58 -9.51
CA LEU A 93 6.08 -6.31 -10.06
C LEU A 93 7.21 -5.66 -10.80
N SER A 94 6.90 -5.13 -11.97
CA SER A 94 7.88 -4.38 -12.77
C SER A 94 7.79 -2.85 -12.59
N ALA A 95 6.60 -2.36 -12.29
CA ALA A 95 6.39 -0.96 -12.00
C ALA A 95 6.71 -0.71 -10.52
N PRO A 96 6.73 0.56 -10.11
CA PRO A 96 7.14 0.79 -8.73
C PRO A 96 6.18 0.24 -7.67
N LEU A 97 6.76 -0.07 -6.53
CA LEU A 97 6.06 -0.55 -5.36
C LEU A 97 6.45 0.36 -4.20
N ILE A 98 5.46 1.07 -3.66
CA ILE A 98 5.69 1.90 -2.48
C ILE A 98 4.96 1.30 -1.28
N GLU A 99 5.73 0.97 -0.25
CA GLU A 99 5.20 0.45 1.01
C GLU A 99 4.82 1.65 1.89
N VAL A 100 3.61 1.63 2.45
CA VAL A 100 3.13 2.69 3.33
C VAL A 100 2.64 2.10 4.64
N HIS A 101 3.06 2.70 5.76
CA HIS A 101 2.46 2.46 7.08
C HIS A 101 1.98 3.78 7.65
N ILE A 102 0.75 3.75 8.16
CA ILE A 102 0.16 4.91 8.81
C ILE A 102 0.94 5.33 10.08
N SER A 103 1.20 4.35 10.94
CA SER A 103 1.92 4.53 12.19
C SER A 103 3.42 4.47 11.93
N ASN A 104 4.17 5.02 12.88
CA ASN A 104 5.62 4.89 12.84
C ASN A 104 5.96 3.57 13.53
N VAL A 105 6.16 2.54 12.71
CA VAL A 105 6.46 1.21 13.21
C VAL A 105 7.75 1.13 14.04
N HIS A 106 8.65 2.11 13.89
CA HIS A 106 9.89 2.12 14.63
C HIS A 106 9.76 2.61 16.07
N ALA A 107 8.60 3.15 16.41
CA ALA A 107 8.35 3.63 17.73
C ALA A 107 7.49 2.64 18.52
N ARG A 108 7.29 1.45 17.99
CA ARG A 108 6.43 0.41 18.58
C ARG A 108 7.28 -0.82 18.97
N GLU A 109 6.69 -2.01 19.00
CA GLU A 109 7.41 -3.22 19.35
C GLU A 109 8.52 -3.50 18.36
N GLU A 110 9.59 -4.12 18.86
CA GLU A 110 10.71 -4.50 18.00
C GLU A 110 10.30 -5.33 16.78
N PHE A 111 9.34 -6.23 16.92
CA PHE A 111 8.95 -7.05 15.78
C PHE A 111 8.39 -6.27 14.57
N ARG A 112 7.84 -5.08 14.84
CA ARG A 112 7.32 -4.24 13.76
C ARG A 112 8.39 -3.52 12.97
N ARG A 113 9.65 -3.63 13.41
CA ARG A 113 10.76 -2.92 12.78
C ARG A 113 11.40 -3.76 11.65
N HIS A 114 10.91 -4.97 11.45
CA HIS A 114 11.30 -5.78 10.31
C HIS A 114 10.14 -5.94 9.34
N SER A 115 10.45 -5.73 8.06
CA SER A 115 9.51 -5.87 6.96
C SER A 115 10.08 -6.81 5.90
N TYR A 116 9.30 -7.81 5.49
CA TYR A 116 9.68 -8.69 4.36
C TYR A 116 9.52 -7.92 3.04
N LEU A 117 8.76 -6.83 3.06
CA LEU A 117 8.50 -6.06 1.85
C LEU A 117 9.50 -4.98 1.53
N SER A 118 10.03 -4.32 2.54
CA SER A 118 10.92 -3.17 2.29
C SER A 118 12.08 -3.43 1.33
N PRO A 119 12.71 -4.61 1.42
CA PRO A 119 13.87 -4.83 0.53
C PRO A 119 13.52 -4.89 -0.92
N ILE A 120 12.26 -5.25 -1.23
CA ILE A 120 11.85 -5.38 -2.62
C ILE A 120 11.02 -4.17 -3.13
N ALA A 121 10.64 -3.26 -2.24
CA ALA A 121 9.95 -2.03 -2.58
C ALA A 121 10.89 -1.01 -3.21
N THR A 122 10.32 -0.12 -4.02
CA THR A 122 11.04 1.08 -4.47
C THR A 122 11.40 1.96 -3.30
N GLY A 123 10.39 2.21 -2.46
CA GLY A 123 10.58 2.99 -1.25
C GLY A 123 9.49 2.74 -0.26
N VAL A 124 9.64 3.37 0.88
CA VAL A 124 8.83 3.13 2.08
C VAL A 124 8.54 4.45 2.78
N ILE A 125 7.27 4.70 3.09
CA ILE A 125 6.84 5.85 3.89
C ILE A 125 6.13 5.35 5.14
N VAL A 126 6.61 5.77 6.31
CA VAL A 126 5.97 5.39 7.58
C VAL A 126 5.78 6.58 8.48
N GLY A 127 4.72 6.52 9.25
CA GLY A 127 4.49 7.47 10.31
C GLY A 127 3.90 8.82 9.95
N LEU A 128 3.54 9.01 8.68
CA LEU A 128 2.93 10.24 8.22
C LEU A 128 1.41 10.17 8.12
N GLY A 129 0.83 9.15 8.77
CA GLY A 129 -0.60 8.97 8.79
C GLY A 129 -1.13 8.70 7.40
N ILE A 130 -2.39 9.04 7.20
CA ILE A 130 -2.98 8.77 5.88
C ILE A 130 -2.37 9.64 4.78
N GLN A 131 -1.73 10.75 5.14
CA GLN A 131 -1.01 11.53 4.11
C GLN A 131 0.07 10.73 3.40
N GLY A 132 0.59 9.68 4.05
CA GLY A 132 1.55 8.79 3.40
C GLY A 132 1.08 8.27 2.04
N TYR A 133 -0.18 7.90 1.97
CA TYR A 133 -0.78 7.42 0.72
C TYR A 133 -0.77 8.49 -0.38
N LEU A 134 -1.11 9.71 0.01
CA LEU A 134 -1.18 10.84 -0.91
C LEU A 134 0.20 11.25 -1.40
N LEU A 135 1.18 11.13 -0.50
CA LEU A 135 2.55 11.45 -0.88
C LEU A 135 3.11 10.39 -1.85
N ALA A 136 2.75 9.12 -1.62
CA ALA A 136 3.13 8.05 -2.52
C ALA A 136 2.53 8.28 -3.91
N LEU A 137 1.27 8.76 -3.96
CA LEU A 137 0.66 9.06 -5.27
C LEU A 137 1.43 10.12 -6.01
N ARG A 138 1.84 11.15 -5.26
CA ARG A 138 2.57 12.25 -5.84
C ARG A 138 3.96 11.83 -6.38
N TYR A 139 4.62 10.91 -5.67
CA TYR A 139 5.84 10.32 -6.18
C TYR A 139 5.58 9.65 -7.53
N LEU A 140 4.50 8.89 -7.63
CA LEU A 140 4.26 8.12 -8.84
C LEU A 140 3.87 9.02 -10.01
N ALA A 141 3.16 10.09 -9.72
CA ALA A 141 2.81 11.07 -10.75
C ALA A 141 4.05 11.77 -11.36
N GLU A 142 5.10 12.00 -10.55
CA GLU A 142 6.35 12.64 -11.03
C GLU A 142 7.30 11.60 -11.61
N HIS A 143 6.99 10.33 -11.40
CA HIS A 143 7.80 9.26 -11.94
C HIS A 143 6.96 8.50 -12.99
#